data_1N3O
#
_entry.id   1N3O
#
_cell.length_a   56.76
_cell.length_b   83.55
_cell.length_c   122.93
_cell.angle_alpha   90
_cell.angle_beta   90
_cell.angle_gamma   90
#
_symmetry.space_group_name_H-M   'P 21 21 21'
#
loop_
_entity.id
_entity.type
_entity.pdbx_description
1 polymer 'lectin PAL'
2 non-polymer 'methyl alpha-D-glucopyranoside'
3 non-polymer 'MANGANESE (II) ION'
4 non-polymer 'CALCIUM ION'
5 water water
#
_entity_poly.entity_id   1
_entity_poly.type   'polypeptide(L)'
_entity_poly.pdbx_seq_one_letter_code
;QDSLSFGFPTFPSDQKNLIFQGDAQIKNNAVQLTKTDSNGNPVASTVGRILFSAQVHLWEKSSSRVANFQSQFSFSLKSP
LSNGADGIAFFIAPPDTTIPSGSGGGLLGLFAPGTAQNTSANQVIAVEFDTFYAQDSNTWDPNYPHIGIDVNSIRSVKTV
KWDRRDGQSLNVLVTFNPSTRNLDVVATYSDGTRYEVSYEVDVRSVLPEWVRVGFSAASGEQYQTHTLESWSFTSTLLYT
AQKKGENLALEM
;
_entity_poly.pdbx_strand_id   A,B
#
# COMPACT_ATOMS: atom_id res chain seq x y z
N GLN A 1 -8.02 -3.11 -3.08
CA GLN A 1 -7.61 -2.98 -4.51
C GLN A 1 -7.35 -4.31 -5.19
N ASP A 2 -7.62 -4.35 -6.50
CA ASP A 2 -7.37 -5.54 -7.30
C ASP A 2 -5.87 -5.69 -7.52
N SER A 3 -5.16 -4.56 -7.57
CA SER A 3 -3.72 -4.60 -7.79
C SER A 3 -3.01 -3.73 -6.76
N LEU A 4 -1.82 -4.16 -6.37
CA LEU A 4 -1.01 -3.46 -5.39
C LEU A 4 0.44 -3.70 -5.73
N SER A 5 1.26 -2.67 -5.57
CA SER A 5 2.67 -2.81 -5.86
C SER A 5 3.46 -1.82 -5.03
N PHE A 6 4.67 -2.21 -4.63
CA PHE A 6 5.53 -1.32 -3.86
C PHE A 6 6.97 -1.77 -4.02
N GLY A 7 7.88 -0.83 -3.83
CA GLY A 7 9.28 -1.16 -3.98
C GLY A 7 10.19 -0.41 -3.04
N PHE A 8 11.07 -1.16 -2.37
CA PHE A 8 12.05 -0.60 -1.45
C PHE A 8 13.43 -0.89 -2.05
N PRO A 9 14.01 0.08 -2.78
CA PRO A 9 15.35 -0.14 -3.35
C PRO A 9 16.33 -0.30 -2.19
N THR A 10 16.07 0.48 -1.14
CA THR A 10 16.87 0.46 0.09
C THR A 10 15.85 0.74 1.19
N PHE A 11 16.32 0.69 2.44
CA PHE A 11 15.45 0.93 3.58
C PHE A 11 15.90 2.11 4.45
N PRO A 12 15.51 3.34 4.08
CA PRO A 12 15.88 4.52 4.85
C PRO A 12 15.31 4.41 6.26
N SER A 13 15.88 5.16 7.18
CA SER A 13 15.46 5.15 8.58
C SER A 13 14.01 5.51 8.87
N ASP A 14 13.44 6.46 8.15
CA ASP A 14 12.05 6.84 8.42
C ASP A 14 11.03 6.01 7.64
N GLN A 15 10.60 4.90 8.23
CA GLN A 15 9.63 4.04 7.60
C GLN A 15 8.24 4.30 8.18
N LYS A 16 7.22 4.23 7.34
CA LYS A 16 5.85 4.49 7.79
C LYS A 16 4.91 3.30 7.56
N ASN A 17 5.21 2.50 6.54
CA ASN A 17 4.34 1.37 6.20
C ASN A 17 4.85 -0.02 6.54
N LEU A 18 5.78 -0.11 7.47
CA LEU A 18 6.31 -1.41 7.87
C LEU A 18 5.95 -1.73 9.31
N ILE A 19 5.52 -2.96 9.52
CA ILE A 19 5.18 -3.43 10.86
C ILE A 19 6.41 -4.21 11.33
N PHE A 20 7.06 -3.69 12.38
CA PHE A 20 8.24 -4.34 12.94
C PHE A 20 7.85 -5.20 14.13
N GLN A 21 8.25 -6.46 14.10
CA GLN A 21 7.94 -7.38 15.20
C GLN A 21 9.24 -7.98 15.72
N GLY A 22 9.28 -8.24 17.03
CA GLY A 22 10.48 -8.82 17.60
C GLY A 22 11.65 -7.86 17.62
N ASP A 23 12.82 -8.33 17.22
CA ASP A 23 14.04 -7.51 17.23
C ASP A 23 14.36 -6.79 15.92
N ALA A 24 13.45 -6.84 14.95
CA ALA A 24 13.70 -6.21 13.66
C ALA A 24 13.80 -4.69 13.71
N GLN A 25 14.80 -4.13 13.02
CA GLN A 25 14.96 -2.69 12.95
C GLN A 25 15.83 -2.26 11.78
N ILE A 26 15.68 -1.01 11.38
CA ILE A 26 16.44 -0.45 10.28
C ILE A 26 17.83 0.01 10.72
N LYS A 27 18.84 -0.42 9.97
CA LYS A 27 20.22 -0.04 10.26
C LYS A 27 21.00 0.11 8.95
N ASN A 28 21.56 1.30 8.75
CA ASN A 28 22.33 1.59 7.56
C ASN A 28 21.63 1.25 6.25
N ASN A 29 20.42 1.77 6.09
CA ASN A 29 19.65 1.55 4.87
C ASN A 29 19.21 0.12 4.58
N ALA A 30 19.25 -0.73 5.59
CA ALA A 30 18.83 -2.12 5.42
C ALA A 30 18.10 -2.57 6.66
N VAL A 31 17.26 -3.60 6.52
CA VAL A 31 16.52 -4.11 7.65
C VAL A 31 17.30 -5.25 8.31
N GLN A 32 17.61 -5.08 9.59
CA GLN A 32 18.31 -6.12 10.34
C GLN A 32 17.21 -6.89 11.04
N LEU A 33 16.86 -8.06 10.51
CA LEU A 33 15.80 -8.85 11.09
C LEU A 33 16.15 -9.36 12.49
N THR A 34 17.42 -9.74 12.66
CA THR A 34 17.87 -10.24 13.96
C THR A 34 18.78 -9.25 14.67
N LYS A 35 18.72 -9.27 16.00
CA LYS A 35 19.48 -8.35 16.84
C LYS A 35 21.00 -8.42 16.65
N THR A 36 21.65 -7.27 16.75
CA THR A 36 23.10 -7.17 16.63
C THR A 36 23.59 -6.28 17.75
N ASP A 37 24.81 -6.51 18.24
CA ASP A 37 25.35 -5.68 19.31
C ASP A 37 25.78 -4.31 18.80
N SER A 38 26.41 -3.53 19.67
CA SER A 38 26.87 -2.19 19.34
C SER A 38 27.91 -2.19 18.22
N ASN A 39 28.68 -3.27 18.12
CA ASN A 39 29.71 -3.40 17.10
C ASN A 39 29.09 -3.76 15.74
N GLY A 40 27.89 -4.31 15.77
CA GLY A 40 27.22 -4.69 14.54
C GLY A 40 27.32 -6.18 14.28
N ASN A 41 27.77 -6.91 15.29
CA ASN A 41 27.92 -8.36 15.19
C ASN A 41 26.65 -9.06 15.65
N PRO A 42 26.34 -10.21 15.04
CA PRO A 42 25.15 -11.00 15.38
C PRO A 42 25.21 -11.56 16.81
N VAL A 43 24.06 -11.71 17.43
CA VAL A 43 23.98 -12.26 18.77
C VAL A 43 23.02 -13.45 18.78
N ALA A 44 23.09 -14.27 19.82
CA ALA A 44 22.22 -15.43 19.93
C ALA A 44 20.86 -15.10 20.50
N SER A 45 19.93 -16.03 20.35
CA SER A 45 18.58 -15.90 20.88
C SER A 45 17.89 -14.63 20.45
N THR A 46 17.56 -14.53 19.17
CA THR A 46 16.89 -13.35 18.65
C THR A 46 15.97 -13.74 17.50
N VAL A 47 14.79 -13.09 17.45
CA VAL A 47 13.80 -13.32 16.40
C VAL A 47 13.28 -11.96 15.98
N GLY A 48 13.10 -11.75 14.68
CA GLY A 48 12.59 -10.48 14.20
C GLY A 48 11.86 -10.64 12.88
N ARG A 49 10.82 -9.84 12.65
CA ARG A 49 10.06 -9.92 11.41
C ARG A 49 9.53 -8.55 11.01
N ILE A 50 9.20 -8.40 9.72
CA ILE A 50 8.61 -7.18 9.20
C ILE A 50 7.48 -7.59 8.27
N LEU A 51 6.45 -6.75 8.18
CA LEU A 51 5.31 -7.00 7.32
C LEU A 51 4.94 -5.65 6.68
N PHE A 52 4.46 -5.68 5.45
CA PHE A 52 4.04 -4.42 4.82
C PHE A 52 2.66 -4.17 5.43
N SER A 53 2.38 -2.93 5.81
CA SER A 53 1.11 -2.59 6.46
C SER A 53 -0.16 -2.83 5.64
N ALA A 54 -0.11 -2.56 4.34
CA ALA A 54 -1.29 -2.75 3.50
C ALA A 54 -1.52 -4.23 3.26
N GLN A 55 -2.78 -4.65 3.40
CA GLN A 55 -3.17 -6.03 3.18
C GLN A 55 -3.28 -6.33 1.69
N VAL A 56 -2.89 -7.55 1.32
CA VAL A 56 -2.93 -7.96 -0.07
C VAL A 56 -4.13 -8.86 -0.35
N HIS A 57 -4.86 -8.54 -1.42
CA HIS A 57 -6.02 -9.32 -1.78
C HIS A 57 -5.51 -10.49 -2.65
N LEU A 58 -5.18 -11.59 -1.98
CA LEU A 58 -4.64 -12.80 -2.61
C LEU A 58 -5.62 -13.52 -3.52
N TRP A 59 -6.89 -13.57 -3.11
CA TRP A 59 -7.94 -14.18 -3.90
C TRP A 59 -9.30 -13.65 -3.51
N GLU A 60 -10.26 -13.76 -4.42
CA GLU A 60 -11.60 -13.25 -4.19
C GLU A 60 -12.64 -14.28 -4.59
N LYS A 61 -13.34 -14.82 -3.60
CA LYS A 61 -14.36 -15.83 -3.82
C LYS A 61 -15.45 -15.36 -4.79
N SER A 62 -16.09 -14.25 -4.46
CA SER A 62 -17.16 -13.70 -5.29
C SER A 62 -16.88 -13.74 -6.80
N SER A 63 -15.70 -13.28 -7.20
CA SER A 63 -15.32 -13.24 -8.61
C SER A 63 -14.52 -14.44 -9.09
N SER A 64 -14.21 -15.36 -8.18
CA SER A 64 -13.42 -16.55 -8.54
C SER A 64 -12.06 -16.17 -9.10
N ARG A 65 -11.46 -15.12 -8.56
CA ARG A 65 -10.15 -14.68 -9.02
C ARG A 65 -9.07 -14.99 -8.00
N VAL A 66 -7.86 -15.24 -8.50
CA VAL A 66 -6.71 -15.52 -7.65
C VAL A 66 -5.61 -14.62 -8.18
N ALA A 67 -4.85 -14.04 -7.26
CA ALA A 67 -3.79 -13.12 -7.64
C ALA A 67 -2.52 -13.77 -8.15
N ASN A 68 -1.88 -13.14 -9.12
CA ASN A 68 -0.60 -13.62 -9.60
C ASN A 68 0.29 -12.61 -8.88
N PHE A 69 1.33 -13.08 -8.22
CA PHE A 69 2.20 -12.13 -7.53
C PHE A 69 3.67 -12.44 -7.74
N GLN A 70 4.49 -11.44 -7.45
CA GLN A 70 5.93 -11.56 -7.62
C GLN A 70 6.61 -10.78 -6.53
N SER A 71 7.56 -11.41 -5.86
CA SER A 71 8.29 -10.74 -4.80
C SER A 71 9.76 -10.89 -5.15
N GLN A 72 10.44 -9.76 -5.28
CA GLN A 72 11.86 -9.76 -5.59
C GLN A 72 12.57 -9.11 -4.43
N PHE A 73 13.63 -9.76 -3.95
CA PHE A 73 14.37 -9.22 -2.82
C PHE A 73 15.79 -9.75 -2.77
N SER A 74 16.62 -9.10 -1.95
CA SER A 74 18.00 -9.54 -1.80
C SER A 74 18.40 -9.42 -0.34
N PHE A 75 19.21 -10.36 0.12
CA PHE A 75 19.66 -10.34 1.50
C PHE A 75 21.05 -10.92 1.58
N SER A 76 21.71 -10.66 2.70
CA SER A 76 23.04 -11.20 2.95
C SER A 76 23.07 -11.70 4.39
N LEU A 77 23.93 -12.68 4.64
CA LEU A 77 24.08 -13.26 5.96
C LEU A 77 25.55 -13.16 6.31
N LYS A 78 25.86 -12.73 7.52
CA LYS A 78 27.24 -12.60 7.95
C LYS A 78 27.39 -13.12 9.37
N SER A 79 28.46 -13.87 9.60
CA SER A 79 28.71 -14.44 10.92
C SER A 79 30.19 -14.72 11.17
N PRO A 80 30.69 -14.38 12.37
CA PRO A 80 32.08 -14.59 12.76
C PRO A 80 32.39 -16.09 12.72
N LEU A 81 31.36 -16.88 13.02
CA LEU A 81 31.44 -18.33 13.01
C LEU A 81 31.38 -18.83 11.58
N SER A 82 31.20 -20.13 11.41
CA SER A 82 31.09 -20.73 10.09
C SER A 82 29.81 -21.55 10.04
N ASN A 83 29.16 -21.64 11.20
CA ASN A 83 27.90 -22.38 11.33
C ASN A 83 26.79 -21.37 11.61
N GLY A 84 26.65 -20.37 10.76
CA GLY A 84 25.62 -19.36 10.97
C GLY A 84 24.23 -19.97 11.03
N ALA A 85 23.37 -19.42 11.88
CA ALA A 85 22.00 -19.90 12.04
C ALA A 85 21.06 -18.73 12.33
N ASP A 86 19.76 -18.89 12.12
CA ASP A 86 19.15 -20.13 11.61
C ASP A 86 18.61 -19.98 10.20
N GLY A 87 18.42 -18.75 9.75
CA GLY A 87 17.92 -18.54 8.41
C GLY A 87 16.89 -17.43 8.29
N ILE A 88 16.53 -17.11 7.05
CA ILE A 88 15.56 -16.06 6.77
C ILE A 88 14.46 -16.62 5.88
N ALA A 89 13.26 -16.07 6.02
CA ALA A 89 12.14 -16.55 5.20
C ALA A 89 11.21 -15.45 4.75
N PHE A 90 10.77 -15.56 3.51
CA PHE A 90 9.80 -14.64 2.95
C PHE A 90 8.50 -15.37 3.26
N PHE A 91 7.50 -14.68 3.81
CA PHE A 91 6.27 -15.40 4.10
C PHE A 91 4.99 -14.61 3.85
N ILE A 92 3.90 -15.36 3.74
CA ILE A 92 2.57 -14.80 3.49
C ILE A 92 1.68 -15.45 4.54
N ALA A 93 0.93 -14.63 5.28
CA ALA A 93 0.07 -15.14 6.35
C ALA A 93 -1.11 -14.21 6.61
N PRO A 94 -2.06 -14.64 7.47
CA PRO A 94 -3.22 -13.79 7.77
C PRO A 94 -2.70 -12.45 8.29
N PRO A 95 -3.45 -11.36 8.08
CA PRO A 95 -3.06 -10.02 8.52
C PRO A 95 -2.70 -9.82 9.98
N ASP A 96 -3.33 -10.56 10.89
CA ASP A 96 -3.04 -10.38 12.31
C ASP A 96 -1.90 -11.24 12.85
N THR A 97 -1.14 -11.88 11.97
CA THR A 97 -0.05 -12.73 12.41
C THR A 97 0.96 -12.03 13.34
N THR A 98 1.40 -12.78 14.35
CA THR A 98 2.37 -12.28 15.31
C THR A 98 3.36 -13.40 15.57
N ILE A 99 4.51 -13.07 16.15
CA ILE A 99 5.53 -14.06 16.45
C ILE A 99 4.98 -15.08 17.46
N PRO A 100 4.87 -16.36 17.05
CA PRO A 100 4.36 -17.41 17.94
C PRO A 100 5.31 -17.63 19.11
N SER A 101 4.76 -18.01 20.25
CA SER A 101 5.56 -18.27 21.45
C SER A 101 6.50 -19.45 21.23
N GLY A 102 7.78 -19.27 21.56
CA GLY A 102 8.77 -20.33 21.39
C GLY A 102 9.13 -20.66 19.95
N SER A 103 8.97 -19.70 19.05
CA SER A 103 9.27 -19.94 17.64
C SER A 103 10.69 -19.52 17.22
N GLY A 104 11.60 -19.45 18.19
CA GLY A 104 12.96 -19.07 17.88
C GLY A 104 13.77 -20.17 17.22
N GLY A 105 15.06 -19.92 17.02
CA GLY A 105 15.93 -20.89 16.40
C GLY A 105 15.43 -21.44 15.08
N GLY A 106 15.46 -22.77 14.96
CA GLY A 106 15.03 -23.44 13.74
C GLY A 106 13.58 -23.27 13.31
N LEU A 107 12.73 -22.71 14.17
CA LEU A 107 11.35 -22.51 13.78
C LEU A 107 11.21 -21.19 13.03
N LEU A 108 12.34 -20.50 12.89
CA LEU A 108 12.45 -19.24 12.13
C LEU A 108 11.47 -18.13 12.51
N GLY A 109 10.80 -18.27 13.65
CA GLY A 109 9.86 -17.25 14.07
C GLY A 109 8.53 -17.36 13.36
N LEU A 110 8.29 -18.49 12.71
CA LEU A 110 7.06 -18.72 11.96
C LEU A 110 6.12 -19.75 12.54
N PHE A 111 6.63 -20.71 13.31
CA PHE A 111 5.78 -21.74 13.87
C PHE A 111 5.95 -21.94 15.37
N ALA A 112 4.89 -22.43 16.00
CA ALA A 112 4.92 -22.71 17.42
C ALA A 112 5.48 -24.13 17.55
N PRO A 113 6.27 -24.38 18.59
CA PRO A 113 6.86 -25.71 18.77
C PRO A 113 5.87 -26.86 18.74
N GLY A 114 4.80 -26.74 19.52
CA GLY A 114 3.81 -27.80 19.59
C GLY A 114 3.04 -28.12 18.32
N THR A 115 3.02 -27.21 17.36
CA THR A 115 2.28 -27.44 16.12
C THR A 115 3.11 -27.17 14.86
N ALA A 116 4.41 -27.02 15.03
CA ALA A 116 5.31 -26.73 13.91
C ALA A 116 5.15 -27.66 12.71
N GLN A 117 4.82 -28.93 12.95
CA GLN A 117 4.67 -29.87 11.85
C GLN A 117 3.22 -30.31 11.63
N ASN A 118 2.28 -29.57 12.23
CA ASN A 118 0.86 -29.89 12.08
C ASN A 118 0.28 -28.94 11.03
N THR A 119 0.03 -29.47 9.84
CA THR A 119 -0.49 -28.66 8.74
C THR A 119 -1.88 -28.08 8.95
N SER A 120 -2.78 -28.82 9.58
CA SER A 120 -4.13 -28.31 9.80
C SER A 120 -4.17 -27.28 10.92
N ALA A 121 -3.03 -27.03 11.56
CA ALA A 121 -2.98 -26.06 12.65
C ALA A 121 -2.32 -24.75 12.27
N ASN A 122 -1.89 -24.63 11.01
CA ASN A 122 -1.24 -23.42 10.54
C ASN A 122 -1.84 -22.82 9.28
N GLN A 123 -1.51 -21.54 9.06
CA GLN A 123 -1.94 -20.80 7.88
C GLN A 123 -0.76 -19.94 7.44
N VAL A 124 0.16 -20.54 6.70
CA VAL A 124 1.33 -19.81 6.27
C VAL A 124 2.00 -20.48 5.11
N ILE A 125 2.54 -19.65 4.22
CA ILE A 125 3.28 -20.12 3.06
C ILE A 125 4.56 -19.32 3.18
N ALA A 126 5.69 -19.99 3.14
CA ALA A 126 6.97 -19.30 3.27
C ALA A 126 8.04 -19.93 2.40
N VAL A 127 9.04 -19.11 2.06
CA VAL A 127 10.16 -19.57 1.27
C VAL A 127 11.32 -19.35 2.21
N GLU A 128 11.90 -20.44 2.69
CA GLU A 128 12.99 -20.36 3.64
C GLU A 128 14.36 -20.57 3.02
N PHE A 129 15.34 -19.89 3.60
CA PHE A 129 16.74 -20.00 3.21
C PHE A 129 17.35 -20.43 4.54
N ASP A 130 17.41 -21.75 4.70
CA ASP A 130 17.85 -22.42 5.92
C ASP A 130 19.32 -22.80 5.94
N THR A 131 20.07 -22.26 6.90
CA THR A 131 21.50 -22.53 7.02
C THR A 131 21.93 -23.48 8.13
N PHE A 132 20.99 -23.88 8.99
CA PHE A 132 21.32 -24.76 10.11
C PHE A 132 20.42 -25.98 10.04
N TYR A 133 21.03 -27.17 10.03
CA TYR A 133 20.27 -28.42 9.92
C TYR A 133 20.66 -29.53 10.87
N ALA A 134 21.25 -29.20 12.02
CA ALA A 134 21.64 -30.23 12.97
C ALA A 134 20.45 -31.15 13.23
N GLN A 135 20.62 -32.43 12.92
CA GLN A 135 19.55 -33.42 13.06
C GLN A 135 19.03 -33.64 14.48
N ASP A 136 19.67 -33.05 15.49
CA ASP A 136 19.19 -33.25 16.85
C ASP A 136 18.15 -32.18 17.23
N SER A 137 18.33 -30.96 16.73
CA SER A 137 17.40 -29.88 17.02
C SER A 137 16.44 -29.61 15.85
N ASN A 138 16.96 -29.70 14.62
CA ASN A 138 16.17 -29.49 13.41
C ASN A 138 15.94 -30.85 12.74
N THR A 139 15.22 -31.72 13.42
CA THR A 139 14.98 -33.07 12.93
C THR A 139 14.21 -33.15 11.61
N TRP A 140 13.49 -32.09 11.25
CA TRP A 140 12.69 -32.06 10.02
C TRP A 140 13.50 -31.68 8.77
N ASP A 141 14.71 -31.16 8.97
CA ASP A 141 15.56 -30.74 7.85
C ASP A 141 16.41 -31.79 7.14
N PRO A 142 16.68 -31.57 5.84
CA PRO A 142 17.50 -32.49 5.05
C PRO A 142 18.88 -32.21 5.64
N ASN A 143 19.83 -33.12 5.50
CA ASN A 143 21.14 -32.89 6.12
C ASN A 143 22.10 -32.02 5.31
N TYR A 144 21.68 -30.80 4.98
CA TYR A 144 22.49 -29.85 4.24
C TYR A 144 21.77 -28.51 4.12
N PRO A 145 22.52 -27.42 3.92
CA PRO A 145 21.90 -26.10 3.78
C PRO A 145 20.93 -26.17 2.60
N HIS A 146 19.82 -25.43 2.68
CA HIS A 146 18.84 -25.52 1.63
C HIS A 146 17.85 -24.37 1.54
N ILE A 147 17.16 -24.31 0.39
CA ILE A 147 16.10 -23.34 0.16
C ILE A 147 14.88 -24.25 0.16
N GLY A 148 13.84 -23.87 0.89
CA GLY A 148 12.67 -24.72 0.93
C GLY A 148 11.36 -23.96 0.84
N ILE A 149 10.33 -24.65 0.39
CA ILE A 149 9.00 -24.07 0.30
C ILE A 149 8.20 -24.71 1.45
N ASP A 150 7.71 -23.87 2.35
CA ASP A 150 6.97 -24.31 3.51
C ASP A 150 5.47 -24.01 3.40
N VAL A 151 4.65 -25.04 3.46
CA VAL A 151 3.21 -24.87 3.40
C VAL A 151 2.59 -25.45 4.67
N ASN A 152 2.31 -24.56 5.63
CA ASN A 152 1.72 -24.91 6.92
C ASN A 152 2.55 -25.83 7.80
N SER A 153 3.85 -25.92 7.53
CA SER A 153 4.73 -26.77 8.33
C SER A 153 6.18 -26.36 8.16
N ILE A 154 6.96 -26.52 9.23
CA ILE A 154 8.37 -26.17 9.18
C ILE A 154 9.12 -27.21 8.34
N ARG A 155 8.46 -28.33 8.08
CA ARG A 155 9.07 -29.37 7.25
C ARG A 155 8.64 -29.07 5.81
N SER A 156 9.58 -28.49 5.06
CA SER A 156 9.35 -28.10 3.68
C SER A 156 8.73 -29.19 2.81
N VAL A 157 7.81 -28.78 1.92
CA VAL A 157 7.18 -29.72 1.01
C VAL A 157 8.15 -29.96 -0.15
N LYS A 158 9.10 -29.05 -0.32
CA LYS A 158 10.08 -29.16 -1.40
C LYS A 158 11.32 -28.36 -1.02
N THR A 159 12.51 -28.89 -1.29
CA THR A 159 13.74 -28.19 -0.98
C THR A 159 14.77 -28.38 -2.09
N VAL A 160 15.80 -27.55 -2.08
CA VAL A 160 16.87 -27.64 -3.05
C VAL A 160 18.14 -27.34 -2.27
N LYS A 161 19.18 -28.13 -2.51
CA LYS A 161 20.46 -27.94 -1.84
C LYS A 161 20.91 -26.51 -2.16
N TRP A 162 21.41 -25.81 -1.15
CA TRP A 162 21.85 -24.42 -1.32
C TRP A 162 23.22 -24.19 -0.66
N ASP A 163 23.93 -23.17 -1.13
CA ASP A 163 25.25 -22.84 -0.58
C ASP A 163 25.20 -21.50 0.16
N ARG A 164 25.60 -21.50 1.42
CA ARG A 164 25.63 -20.27 2.19
C ARG A 164 26.96 -19.58 1.90
N ARG A 165 26.92 -18.29 1.58
CA ARG A 165 28.13 -17.53 1.30
C ARG A 165 28.16 -16.31 2.19
N ASP A 166 29.05 -16.33 3.18
CA ASP A 166 29.16 -15.24 4.13
C ASP A 166 29.37 -13.89 3.45
N GLY A 167 28.52 -12.92 3.83
CA GLY A 167 28.64 -11.58 3.29
C GLY A 167 28.23 -11.33 1.86
N GLN A 168 27.80 -12.35 1.13
CA GLN A 168 27.38 -12.15 -0.26
C GLN A 168 25.87 -12.04 -0.39
N SER A 169 25.42 -11.03 -1.11
CA SER A 169 23.98 -10.82 -1.32
C SER A 169 23.40 -11.86 -2.26
N LEU A 170 22.26 -12.41 -1.87
CA LEU A 170 21.57 -13.39 -2.70
C LEU A 170 20.35 -12.68 -3.28
N ASN A 171 20.20 -12.71 -4.58
CA ASN A 171 19.06 -12.06 -5.22
C ASN A 171 17.98 -13.12 -5.47
N VAL A 172 16.78 -12.84 -5.01
CA VAL A 172 15.68 -13.79 -5.12
C VAL A 172 14.43 -13.28 -5.81
N LEU A 173 13.83 -14.15 -6.61
CA LEU A 173 12.59 -13.85 -7.29
C LEU A 173 11.60 -14.96 -6.96
N VAL A 174 10.50 -14.60 -6.32
CA VAL A 174 9.46 -15.57 -5.96
C VAL A 174 8.23 -15.17 -6.76
N THR A 175 7.65 -16.12 -7.48
CA THR A 175 6.48 -15.82 -8.29
C THR A 175 5.40 -16.87 -8.14
N PHE A 176 4.15 -16.44 -8.21
CA PHE A 176 3.03 -17.37 -8.15
C PHE A 176 2.16 -17.12 -9.37
N ASN A 177 1.90 -18.18 -10.12
CA ASN A 177 1.08 -18.12 -11.32
C ASN A 177 -0.24 -18.85 -10.98
N PRO A 178 -1.35 -18.10 -10.89
CA PRO A 178 -2.66 -18.69 -10.57
C PRO A 178 -3.18 -19.61 -11.69
N SER A 179 -2.68 -19.41 -12.90
CA SER A 179 -3.09 -20.19 -14.06
C SER A 179 -2.62 -21.65 -13.92
N THR A 180 -1.40 -21.82 -13.44
CA THR A 180 -0.81 -23.15 -13.26
C THR A 180 -0.67 -23.54 -11.80
N ARG A 181 -0.85 -22.55 -10.92
CA ARG A 181 -0.72 -22.73 -9.48
C ARG A 181 0.70 -23.04 -9.03
N ASN A 182 1.68 -22.70 -9.86
CA ASN A 182 3.06 -22.95 -9.49
C ASN A 182 3.70 -21.79 -8.76
N LEU A 183 4.32 -22.09 -7.62
CA LEU A 183 5.04 -21.09 -6.86
C LEU A 183 6.49 -21.37 -7.23
N ASP A 184 7.11 -20.45 -7.96
CA ASP A 184 8.50 -20.64 -8.39
C ASP A 184 9.48 -19.77 -7.63
N VAL A 185 10.62 -20.34 -7.30
CA VAL A 185 11.67 -19.61 -6.59
C VAL A 185 12.96 -19.71 -7.39
N VAL A 186 13.57 -18.56 -7.64
CA VAL A 186 14.82 -18.51 -8.36
C VAL A 186 15.75 -17.60 -7.53
N ALA A 187 16.90 -18.13 -7.15
CA ALA A 187 17.86 -17.36 -6.35
C ALA A 187 19.21 -17.39 -7.05
N THR A 188 19.91 -16.27 -7.03
CA THR A 188 21.20 -16.22 -7.68
C THR A 188 22.21 -15.31 -6.98
N TYR A 189 23.48 -15.72 -7.02
CA TYR A 189 24.56 -14.90 -6.46
C TYR A 189 25.09 -14.10 -7.65
N SER A 190 25.83 -13.03 -7.38
CA SER A 190 26.34 -12.17 -8.44
C SER A 190 27.16 -12.89 -9.51
N ASP A 191 27.79 -14.00 -9.17
CA ASP A 191 28.60 -14.71 -10.16
C ASP A 191 27.75 -15.58 -11.09
N GLY A 192 26.44 -15.54 -10.90
CA GLY A 192 25.56 -16.32 -11.74
C GLY A 192 25.13 -17.66 -11.16
N THR A 193 25.68 -18.04 -10.00
CA THR A 193 25.29 -19.31 -9.41
C THR A 193 23.79 -19.24 -9.13
N ARG A 194 23.05 -20.19 -9.71
CA ARG A 194 21.60 -20.19 -9.62
C ARG A 194 20.99 -21.40 -8.91
N TYR A 195 19.89 -21.16 -8.20
CA TYR A 195 19.19 -22.23 -7.50
C TYR A 195 17.71 -22.07 -7.80
N GLU A 196 17.03 -23.18 -8.09
CA GLU A 196 15.61 -23.10 -8.40
C GLU A 196 14.81 -24.19 -7.72
N VAL A 197 13.63 -23.84 -7.24
CA VAL A 197 12.74 -24.80 -6.60
C VAL A 197 11.32 -24.31 -6.83
N SER A 198 10.41 -25.25 -7.07
CA SER A 198 9.03 -24.86 -7.30
C SER A 198 8.09 -25.93 -6.78
N TYR A 199 6.83 -25.53 -6.58
CA TYR A 199 5.83 -26.44 -6.06
C TYR A 199 4.46 -25.92 -6.46
N GLU A 200 3.55 -26.86 -6.73
CA GLU A 200 2.19 -26.50 -7.13
C GLU A 200 1.36 -26.42 -5.87
N VAL A 201 0.68 -25.29 -5.69
CA VAL A 201 -0.14 -25.09 -4.50
C VAL A 201 -1.32 -24.18 -4.75
N ASP A 202 -2.49 -24.60 -4.28
CA ASP A 202 -3.71 -23.82 -4.42
C ASP A 202 -3.79 -22.94 -3.19
N VAL A 203 -3.39 -21.68 -3.35
CA VAL A 203 -3.39 -20.75 -2.22
C VAL A 203 -4.75 -20.55 -1.58
N ARG A 204 -5.82 -20.77 -2.34
CA ARG A 204 -7.17 -20.61 -1.80
C ARG A 204 -7.48 -21.55 -0.65
N SER A 205 -6.86 -22.72 -0.64
CA SER A 205 -7.13 -23.69 0.42
C SER A 205 -6.15 -23.59 1.59
N VAL A 206 -5.24 -22.63 1.53
CA VAL A 206 -4.25 -22.45 2.59
C VAL A 206 -4.38 -21.14 3.34
N LEU A 207 -4.62 -20.06 2.59
CA LEU A 207 -4.71 -18.73 3.17
C LEU A 207 -6.05 -18.04 2.94
N PRO A 208 -6.41 -17.09 3.81
CA PRO A 208 -7.67 -16.35 3.68
C PRO A 208 -7.58 -15.42 2.46
N GLU A 209 -8.67 -14.77 2.11
CA GLU A 209 -8.70 -13.88 0.96
C GLU A 209 -7.71 -12.71 1.08
N TRP A 210 -7.61 -12.15 2.28
CA TRP A 210 -6.69 -11.03 2.51
C TRP A 210 -5.52 -11.48 3.38
N VAL A 211 -4.32 -11.10 2.99
CA VAL A 211 -3.13 -11.49 3.73
C VAL A 211 -2.14 -10.35 3.86
N ARG A 212 -1.08 -10.61 4.60
CA ARG A 212 0.01 -9.65 4.74
C ARG A 212 1.26 -10.41 4.34
N VAL A 213 2.23 -9.69 3.80
CA VAL A 213 3.46 -10.33 3.36
C VAL A 213 4.65 -9.69 4.05
N GLY A 214 5.70 -10.46 4.25
CA GLY A 214 6.87 -9.93 4.90
C GLY A 214 8.00 -10.93 5.00
N PHE A 215 8.88 -10.70 5.97
CA PHE A 215 10.02 -11.59 6.18
C PHE A 215 10.18 -11.88 7.66
N SER A 216 10.81 -13.02 7.94
CA SER A 216 11.07 -13.45 9.31
C SER A 216 12.47 -14.05 9.35
N ALA A 217 13.13 -13.93 10.50
CA ALA A 217 14.47 -14.48 10.67
C ALA A 217 14.69 -14.76 12.14
N ALA A 218 15.63 -15.65 12.42
CA ALA A 218 15.92 -16.01 13.81
C ALA A 218 17.28 -16.68 13.96
N SER A 219 17.82 -16.58 15.17
CA SER A 219 19.09 -17.20 15.53
C SER A 219 18.88 -17.80 16.91
N GLY A 220 19.24 -19.08 17.07
CA GLY A 220 19.11 -19.74 18.36
C GLY A 220 20.48 -19.73 19.03
N GLU A 221 21.02 -20.91 19.29
CA GLU A 221 22.35 -21.03 19.91
C GLU A 221 23.40 -20.45 18.95
N GLN A 222 23.29 -20.80 17.67
CA GLN A 222 24.19 -20.30 16.66
C GLN A 222 23.55 -19.04 16.10
N TYR A 223 24.37 -18.14 15.55
CA TYR A 223 23.85 -16.88 15.04
C TYR A 223 24.55 -16.37 13.78
N GLN A 224 23.90 -15.38 13.17
CA GLN A 224 24.36 -14.72 11.97
C GLN A 224 23.39 -13.58 11.77
N THR A 225 23.82 -12.55 11.06
CA THR A 225 22.92 -11.43 10.78
C THR A 225 22.03 -11.85 9.61
N HIS A 226 20.83 -11.29 9.55
CA HIS A 226 19.91 -11.57 8.45
C HIS A 226 19.52 -10.18 7.94
N THR A 227 20.29 -9.71 6.98
CA THR A 227 20.12 -8.37 6.42
C THR A 227 19.30 -8.30 5.13
N LEU A 228 18.12 -7.71 5.21
CA LEU A 228 17.26 -7.55 4.03
C LEU A 228 17.67 -6.22 3.41
N GLU A 229 18.22 -6.27 2.20
CA GLU A 229 18.72 -5.09 1.51
C GLU A 229 17.74 -4.38 0.58
N SER A 230 16.88 -5.14 -0.08
CA SER A 230 15.91 -4.55 -0.99
C SER A 230 14.71 -5.48 -1.14
N TRP A 231 13.58 -4.92 -1.56
CA TRP A 231 12.37 -5.69 -1.73
C TRP A 231 11.34 -4.96 -2.58
N SER A 232 10.81 -5.67 -3.57
CA SER A 232 9.77 -5.11 -4.42
C SER A 232 8.70 -6.19 -4.48
N PHE A 233 7.44 -5.77 -4.55
CA PHE A 233 6.33 -6.70 -4.56
C PHE A 233 5.19 -6.19 -5.41
N THR A 234 4.52 -7.10 -6.09
CA THR A 234 3.39 -6.74 -6.93
C THR A 234 2.40 -7.90 -7.00
N SER A 235 1.11 -7.61 -6.93
CA SER A 235 0.11 -8.66 -7.05
C SER A 235 -1.08 -8.09 -7.82
N THR A 236 -1.69 -8.94 -8.64
CA THR A 236 -2.82 -8.54 -9.47
C THR A 236 -3.84 -9.67 -9.51
N LEU A 237 -5.09 -9.38 -9.18
CA LEU A 237 -6.12 -10.43 -9.22
C LEU A 237 -6.45 -10.75 -10.68
N LEU A 238 -6.47 -12.04 -11.02
CA LEU A 238 -6.77 -12.46 -12.38
C LEU A 238 -7.78 -13.61 -12.43
N TYR A 239 -8.42 -13.76 -13.59
CA TYR A 239 -9.39 -14.82 -13.83
C TYR A 239 -8.66 -16.01 -14.45
N THR A 240 -8.87 -17.20 -13.91
CA THR A 240 -8.23 -18.39 -14.43
C THR A 240 -9.22 -19.18 -15.28
N ALA A 241 -8.70 -19.97 -16.22
CA ALA A 241 -9.54 -20.79 -17.09
C ALA A 241 -10.26 -21.88 -16.30
N GLN B 1 8.55 2.88 1.15
CA GLN B 1 8.89 2.48 -0.26
C GLN B 1 9.00 3.71 -1.15
N ASP B 2 9.95 3.67 -2.08
CA ASP B 2 10.16 4.75 -3.03
C ASP B 2 9.03 4.79 -4.05
N SER B 3 8.40 3.65 -4.29
CA SER B 3 7.30 3.58 -5.24
C SER B 3 6.12 2.79 -4.67
N LEU B 4 4.92 3.23 -5.03
CA LEU B 4 3.69 2.60 -4.56
C LEU B 4 2.60 2.79 -5.60
N SER B 5 1.80 1.75 -5.79
CA SER B 5 0.69 1.87 -6.72
C SER B 5 -0.39 0.88 -6.32
N PHE B 6 -1.63 1.22 -6.67
CA PHE B 6 -2.76 0.36 -6.36
C PHE B 6 -3.87 0.73 -7.31
N GLY B 7 -4.76 -0.22 -7.58
CA GLY B 7 -5.84 0.06 -8.49
C GLY B 7 -7.14 -0.53 -8.03
N PHE B 8 -8.20 0.27 -8.10
CA PHE B 8 -9.54 -0.16 -7.75
C PHE B 8 -10.40 -0.03 -9.00
N PRO B 9 -10.49 -1.09 -9.82
CA PRO B 9 -11.33 -0.97 -11.02
C PRO B 9 -12.78 -0.74 -10.58
N THR B 10 -13.10 -1.28 -9.41
CA THR B 10 -14.42 -1.14 -8.77
C THR B 10 -14.14 -1.21 -7.28
N PHE B 11 -15.17 -0.99 -6.47
CA PHE B 11 -15.03 -1.03 -5.01
C PHE B 11 -15.92 -2.05 -4.31
N PRO B 12 -15.50 -3.32 -4.25
CA PRO B 12 -16.31 -4.33 -3.57
C PRO B 12 -16.47 -3.94 -2.11
N SER B 13 -17.57 -4.35 -1.48
CA SER B 13 -17.82 -3.98 -0.09
C SER B 13 -16.81 -4.53 0.90
N ASP B 14 -16.00 -5.49 0.45
CA ASP B 14 -15.01 -6.09 1.34
C ASP B 14 -13.66 -5.36 1.24
N GLN B 15 -13.58 -4.19 1.87
CA GLN B 15 -12.38 -3.37 1.85
C GLN B 15 -11.54 -3.49 3.11
N LYS B 16 -10.22 -3.48 2.95
CA LYS B 16 -9.29 -3.56 4.06
C LYS B 16 -8.29 -2.42 4.14
N ASN B 17 -8.01 -1.78 3.00
CA ASN B 17 -7.03 -0.70 2.97
C ASN B 17 -7.58 0.72 2.80
N LEU B 18 -8.84 0.91 3.13
CA LEU B 18 -9.42 2.23 3.03
C LEU B 18 -9.82 2.73 4.41
N ILE B 19 -9.55 4.01 4.65
CA ILE B 19 -9.92 4.64 5.90
C ILE B 19 -11.16 5.45 5.57
N PHE B 20 -12.27 5.11 6.22
CA PHE B 20 -13.53 5.81 5.97
C PHE B 20 -13.75 6.88 7.03
N GLN B 21 -14.13 8.07 6.59
CA GLN B 21 -14.39 9.14 7.53
C GLN B 21 -15.77 9.73 7.24
N GLY B 22 -16.47 10.13 8.28
CA GLY B 22 -17.79 10.71 8.10
C GLY B 22 -18.82 9.69 7.61
N ASP B 23 -19.59 10.08 6.61
CA ASP B 23 -20.65 9.21 6.08
C ASP B 23 -20.25 8.32 4.91
N ALA B 24 -18.99 8.40 4.50
CA ALA B 24 -18.53 7.60 3.36
C ALA B 24 -18.69 6.09 3.57
N GLN B 25 -19.17 5.40 2.54
CA GLN B 25 -19.30 3.95 2.62
C GLN B 25 -19.51 3.33 1.24
N ILE B 26 -19.23 2.03 1.16
CA ILE B 26 -19.38 1.31 -0.10
C ILE B 26 -20.82 0.90 -0.33
N LYS B 27 -21.32 1.18 -1.53
CA LYS B 27 -22.68 0.84 -1.94
C LYS B 27 -22.64 0.44 -3.41
N ASN B 28 -23.13 -0.75 -3.72
CA ASN B 28 -23.15 -1.25 -5.09
C ASN B 28 -21.80 -1.13 -5.82
N ASN B 29 -20.73 -1.62 -5.19
CA ASN B 29 -19.40 -1.61 -5.79
C ASN B 29 -18.81 -0.24 -6.09
N ALA B 30 -19.33 0.78 -5.41
CA ALA B 30 -18.85 2.15 -5.58
C ALA B 30 -18.83 2.81 -4.21
N VAL B 31 -17.98 3.81 -4.05
CA VAL B 31 -17.91 4.52 -2.79
C VAL B 31 -18.90 5.70 -2.82
N GLN B 32 -19.85 5.69 -1.90
CA GLN B 32 -20.78 6.80 -1.79
C GLN B 32 -20.14 7.68 -0.73
N LEU B 33 -19.54 8.79 -1.14
CA LEU B 33 -18.89 9.68 -0.19
C LEU B 33 -19.90 10.35 0.74
N THR B 34 -21.02 10.81 0.17
CA THR B 34 -22.05 11.46 0.96
C THR B 34 -23.22 10.51 1.23
N LYS B 35 -23.89 10.73 2.35
CA LYS B 35 -25.00 9.90 2.78
C LYS B 35 -26.18 9.86 1.83
N THR B 36 -26.77 8.67 1.71
CA THR B 36 -27.94 8.46 0.87
C THR B 36 -28.96 7.70 1.72
N ASP B 37 -30.25 7.90 1.45
CA ASP B 37 -31.27 7.21 2.21
C ASP B 37 -31.47 5.77 1.74
N SER B 38 -32.54 5.15 2.23
CA SER B 38 -32.88 3.76 1.90
C SER B 38 -33.00 3.52 0.40
N ASN B 39 -33.60 4.47 -0.31
CA ASN B 39 -33.79 4.34 -1.76
C ASN B 39 -32.58 4.82 -2.55
N GLY B 40 -31.51 5.18 -1.85
CA GLY B 40 -30.31 5.65 -2.51
C GLY B 40 -30.39 7.09 -2.97
N ASN B 41 -31.30 7.86 -2.39
CA ASN B 41 -31.43 9.27 -2.76
C ASN B 41 -30.53 10.08 -1.83
N PRO B 42 -29.92 11.15 -2.36
CA PRO B 42 -29.04 12.02 -1.56
C PRO B 42 -29.81 12.81 -0.49
N VAL B 43 -29.13 13.13 0.60
CA VAL B 43 -29.76 13.90 1.69
C VAL B 43 -28.86 15.07 2.05
N ALA B 44 -29.41 16.05 2.75
CA ALA B 44 -28.64 17.23 3.14
C ALA B 44 -27.75 16.99 4.36
N SER B 45 -26.86 17.94 4.60
CA SER B 45 -25.96 17.89 5.75
C SER B 45 -25.19 16.61 5.92
N THR B 46 -24.31 16.33 4.96
CA THR B 46 -23.49 15.13 5.02
C THR B 46 -22.08 15.42 4.50
N VAL B 47 -21.10 14.78 5.09
CA VAL B 47 -19.70 14.92 4.69
C VAL B 47 -19.09 13.55 4.79
N GLY B 48 -18.19 13.23 3.86
CA GLY B 48 -17.55 11.92 3.88
C GLY B 48 -16.23 11.94 3.12
N ARG B 49 -15.27 11.15 3.59
CA ARG B 49 -13.97 11.08 2.92
C ARG B 49 -13.39 9.67 3.03
N ILE B 50 -12.49 9.34 2.13
CA ILE B 50 -11.79 8.06 2.18
C ILE B 50 -10.33 8.37 1.91
N LEU B 51 -9.45 7.58 2.50
CA LEU B 51 -8.02 7.73 2.33
C LEU B 51 -7.44 6.33 2.17
N PHE B 52 -6.37 6.19 1.40
CA PHE B 52 -5.75 4.89 1.27
C PHE B 52 -4.92 4.79 2.54
N SER B 53 -4.92 3.61 3.17
CA SER B 53 -4.20 3.43 4.43
C SER B 53 -2.69 3.61 4.36
N ALA B 54 -2.05 3.07 3.34
CA ALA B 54 -0.60 3.21 3.21
C ALA B 54 -0.19 4.66 2.93
N GLN B 55 0.80 5.14 3.67
CA GLN B 55 1.28 6.50 3.46
C GLN B 55 2.14 6.55 2.20
N VAL B 56 2.06 7.67 1.49
CA VAL B 56 2.81 7.87 0.25
C VAL B 56 4.02 8.75 0.52
N HIS B 57 5.18 8.35 0.02
CA HIS B 57 6.37 9.14 0.22
C HIS B 57 6.43 10.16 -0.92
N LEU B 58 5.91 11.36 -0.66
CA LEU B 58 5.84 12.43 -1.65
C LEU B 58 7.20 13.02 -2.00
N TRP B 59 8.03 13.28 -0.99
CA TRP B 59 9.37 13.79 -1.22
C TRP B 59 10.31 13.38 -0.09
N GLU B 60 11.61 13.43 -0.35
CA GLU B 60 12.60 13.02 0.64
C GLU B 60 13.71 14.05 0.70
N LYS B 61 13.77 14.77 1.82
CA LYS B 61 14.77 15.82 2.02
C LYS B 61 16.22 15.34 1.94
N SER B 62 16.52 14.25 2.63
CA SER B 62 17.88 13.72 2.63
C SER B 62 18.43 13.36 1.25
N SER B 63 17.55 13.01 0.31
CA SER B 63 18.01 12.64 -1.02
C SER B 63 17.64 13.63 -2.12
N SER B 64 16.99 14.73 -1.75
CA SER B 64 16.60 15.73 -2.74
C SER B 64 15.65 15.19 -3.81
N ARG B 65 14.90 14.13 -3.48
CA ARG B 65 13.97 13.55 -4.46
C ARG B 65 12.52 13.96 -4.22
N VAL B 66 11.76 14.02 -5.30
CA VAL B 66 10.35 14.37 -5.25
C VAL B 66 9.59 13.36 -6.11
N ALA B 67 8.41 12.95 -5.66
CA ALA B 67 7.64 11.96 -6.37
C ALA B 67 6.90 12.44 -7.61
N ASN B 68 6.84 11.55 -8.58
CA ASN B 68 6.10 11.76 -9.81
C ASN B 68 4.91 10.85 -9.53
N PHE B 69 3.70 11.41 -9.52
CA PHE B 69 2.53 10.58 -9.27
C PHE B 69 1.41 10.85 -10.26
N GLN B 70 0.53 9.87 -10.39
CA GLN B 70 -0.60 9.96 -11.29
C GLN B 70 -1.81 9.34 -10.59
N SER B 71 -2.94 10.03 -10.66
CA SER B 71 -4.16 9.53 -10.05
C SER B 71 -5.23 9.58 -11.13
N GLN B 72 -5.78 8.42 -11.47
CA GLN B 72 -6.81 8.31 -12.49
C GLN B 72 -8.05 7.86 -11.74
N PHE B 73 -9.17 8.53 -11.97
CA PHE B 73 -10.40 8.14 -11.29
C PHE B 73 -11.63 8.61 -12.02
N SER B 74 -12.78 8.01 -11.69
CA SER B 74 -14.03 8.41 -12.32
C SER B 74 -15.10 8.50 -11.25
N PHE B 75 -16.00 9.45 -11.43
CA PHE B 75 -17.10 9.62 -10.48
C PHE B 75 -18.32 10.13 -11.23
N SER B 76 -19.45 10.07 -10.56
CA SER B 76 -20.70 10.55 -11.12
C SER B 76 -21.44 11.29 -10.01
N LEU B 77 -22.25 12.26 -10.40
CA LEU B 77 -23.02 13.03 -9.45
C LEU B 77 -24.49 12.96 -9.87
N LYS B 78 -25.39 12.83 -8.92
CA LYS B 78 -26.79 12.73 -9.28
C LYS B 78 -27.65 13.46 -8.25
N SER B 79 -28.65 14.20 -8.72
CA SER B 79 -29.54 14.92 -7.83
C SER B 79 -30.84 15.34 -8.49
N PRO B 80 -31.98 15.17 -7.79
CA PRO B 80 -33.26 15.57 -8.37
C PRO B 80 -33.38 17.11 -8.37
N LEU B 81 -32.51 17.77 -7.61
CA LEU B 81 -32.52 19.23 -7.50
C LEU B 81 -31.87 19.90 -8.70
N SER B 82 -32.19 21.16 -8.93
CA SER B 82 -31.62 21.89 -10.07
C SER B 82 -30.24 22.45 -9.70
N ASN B 83 -29.93 22.49 -8.40
CA ASN B 83 -28.64 23.00 -7.92
C ASN B 83 -27.96 22.02 -6.97
N GLY B 84 -27.59 20.85 -7.48
CA GLY B 84 -26.92 19.85 -6.65
C GLY B 84 -25.65 20.41 -6.05
N ALA B 85 -25.37 20.06 -4.80
CA ALA B 85 -24.19 20.55 -4.09
C ALA B 85 -23.62 19.45 -3.19
N ASP B 86 -22.38 19.60 -2.72
CA ASP B 86 -21.52 20.76 -2.99
C ASP B 86 -20.34 20.46 -3.92
N GLY B 87 -19.96 19.19 -4.01
CA GLY B 87 -18.86 18.84 -4.88
C GLY B 87 -17.98 17.76 -4.29
N ILE B 88 -17.07 17.25 -5.13
CA ILE B 88 -16.16 16.19 -4.73
C ILE B 88 -14.73 16.64 -5.02
N ALA B 89 -13.78 16.15 -4.24
CA ALA B 89 -12.38 16.53 -4.45
C ALA B 89 -11.40 15.42 -4.16
N PHE B 90 -10.35 15.37 -4.98
CA PHE B 90 -9.26 14.45 -4.80
C PHE B 90 -8.29 15.32 -4.00
N PHE B 91 -7.72 14.78 -2.93
CA PHE B 91 -6.81 15.59 -2.14
C PHE B 91 -5.62 14.85 -1.57
N ILE B 92 -4.63 15.64 -1.16
CA ILE B 92 -3.39 15.12 -0.58
C ILE B 92 -3.18 15.94 0.69
N ALA B 93 -2.99 15.26 1.81
CA ALA B 93 -2.81 15.93 3.08
C ALA B 93 -1.94 15.12 4.03
N PRO B 94 -1.59 15.69 5.20
CA PRO B 94 -0.76 14.96 6.17
C PRO B 94 -1.49 13.67 6.55
N PRO B 95 -0.74 12.62 6.91
CA PRO B 95 -1.29 11.32 7.28
C PRO B 95 -2.39 11.28 8.34
N ASP B 96 -2.33 12.21 9.29
CA ASP B 96 -3.32 12.23 10.36
C ASP B 96 -4.54 13.12 10.10
N THR B 97 -4.75 13.51 8.85
CA THR B 97 -5.88 14.37 8.51
C THR B 97 -7.24 13.75 8.84
N THR B 98 -8.09 14.56 9.45
CA THR B 98 -9.45 14.15 9.80
C THR B 98 -10.40 15.24 9.35
N ILE B 99 -11.69 14.96 9.30
CA ILE B 99 -12.67 15.96 8.89
C ILE B 99 -12.72 17.10 9.91
N PRO B 100 -12.39 18.33 9.47
CA PRO B 100 -12.41 19.49 10.37
C PRO B 100 -13.83 19.80 10.83
N SER B 101 -13.98 20.37 12.02
CA SER B 101 -15.30 20.72 12.51
C SER B 101 -15.86 21.85 11.68
N GLY B 102 -17.13 21.73 11.29
CA GLY B 102 -17.79 22.76 10.50
C GLY B 102 -17.29 22.87 9.08
N SER B 103 -16.66 21.81 8.58
CA SER B 103 -16.11 21.80 7.21
C SER B 103 -17.13 21.35 6.16
N GLY B 104 -18.40 21.26 6.55
CA GLY B 104 -19.42 20.82 5.63
C GLY B 104 -19.76 21.79 4.52
N GLY B 105 -20.73 21.41 3.68
CA GLY B 105 -21.15 22.26 2.58
C GLY B 105 -20.06 22.70 1.64
N GLY B 106 -20.00 24.01 1.40
CA GLY B 106 -19.02 24.57 0.49
C GLY B 106 -17.56 24.37 0.88
N LEU B 107 -17.30 23.96 2.11
CA LEU B 107 -15.90 23.75 2.52
C LEU B 107 -15.43 22.35 2.15
N LEU B 108 -16.32 21.58 1.52
CA LEU B 108 -16.05 20.24 1.01
C LEU B 108 -15.40 19.23 1.96
N GLY B 109 -15.58 19.41 3.26
CA GLY B 109 -15.00 18.49 4.21
C GLY B 109 -13.49 18.61 4.26
N LEU B 110 -12.96 19.69 3.69
CA LEU B 110 -11.51 19.92 3.65
C LEU B 110 -10.98 21.05 4.53
N PHE B 111 -11.76 22.11 4.72
CA PHE B 111 -11.29 23.24 5.52
C PHE B 111 -12.21 23.63 6.67
N ALA B 112 -11.61 24.24 7.69
CA ALA B 112 -12.34 24.73 8.84
C ALA B 112 -12.77 26.15 8.47
N PRO B 113 -13.97 26.57 8.90
CA PRO B 113 -14.49 27.91 8.60
C PRO B 113 -13.54 29.06 8.92
N GLY B 114 -12.94 29.01 10.11
CA GLY B 114 -12.03 30.07 10.53
C GLY B 114 -10.79 30.29 9.68
N THR B 115 -10.24 29.23 9.12
CA THR B 115 -9.02 29.36 8.32
C THR B 115 -9.14 28.84 6.89
N ALA B 116 -10.37 28.73 6.40
CA ALA B 116 -10.64 28.23 5.05
C ALA B 116 -9.85 28.97 3.97
N GLN B 117 -9.58 30.25 4.18
CA GLN B 117 -8.83 31.01 3.19
C GLN B 117 -7.51 31.51 3.73
N ASN B 118 -7.02 30.88 4.80
CA ASN B 118 -5.74 31.25 5.39
C ASN B 118 -4.71 30.20 4.96
N THR B 119 -3.94 30.51 3.92
CA THR B 119 -2.96 29.57 3.38
C THR B 119 -1.86 29.11 4.34
N SER B 120 -1.53 29.93 5.33
CA SER B 120 -0.49 29.54 6.28
C SER B 120 -1.05 28.70 7.42
N ALA B 121 -2.35 28.38 7.36
CA ALA B 121 -2.97 27.58 8.41
C ALA B 121 -3.36 26.19 7.94
N ASN B 122 -3.13 25.91 6.67
CA ASN B 122 -3.49 24.60 6.11
C ASN B 122 -2.35 23.91 5.39
N GLN B 123 -2.52 22.61 5.19
CA GLN B 123 -1.57 21.77 4.47
C GLN B 123 -2.38 20.81 3.63
N VAL B 124 -2.78 21.24 2.45
CA VAL B 124 -3.59 20.38 1.58
C VAL B 124 -3.55 20.86 0.15
N ILE B 125 -3.48 19.89 -0.77
CA ILE B 125 -3.52 20.17 -2.19
C ILE B 125 -4.72 19.34 -2.66
N ALA B 126 -5.66 19.99 -3.32
CA ALA B 126 -6.84 19.29 -3.79
C ALA B 126 -7.29 19.75 -5.17
N VAL B 127 -7.93 18.84 -5.88
CA VAL B 127 -8.49 19.14 -7.19
C VAL B 127 -10.00 18.99 -6.94
N GLU B 128 -10.71 20.11 -6.98
CA GLU B 128 -12.14 20.09 -6.73
C GLU B 128 -13.01 20.18 -7.97
N PHE B 129 -14.17 19.54 -7.88
CA PHE B 129 -15.20 19.56 -8.93
C PHE B 129 -16.36 20.12 -8.15
N ASP B 130 -16.46 21.45 -8.24
CA ASP B 130 -17.42 22.26 -7.50
C ASP B 130 -18.68 22.62 -8.27
N THR B 131 -19.82 22.14 -7.80
CA THR B 131 -21.08 22.39 -8.47
C THR B 131 -21.97 23.48 -7.88
N PHE B 132 -21.61 23.98 -6.70
CA PHE B 132 -22.42 25.02 -6.06
C PHE B 132 -21.60 26.30 -5.92
N TYR B 133 -22.10 27.37 -6.51
CA TYR B 133 -21.38 28.64 -6.51
C TYR B 133 -22.19 29.87 -6.10
N ALA B 134 -23.27 29.70 -5.36
CA ALA B 134 -24.09 30.84 -4.93
C ALA B 134 -23.18 31.90 -4.34
N GLN B 135 -23.16 33.07 -4.97
CA GLN B 135 -22.32 34.18 -4.55
C GLN B 135 -22.55 34.72 -3.14
N ASP B 136 -23.64 34.31 -2.50
CA ASP B 136 -23.93 34.79 -1.16
C ASP B 136 -23.34 33.91 -0.06
N SER B 137 -23.17 32.62 -0.35
CA SER B 137 -22.61 31.70 0.62
C SER B 137 -21.19 31.27 0.23
N ASN B 138 -20.99 30.89 -1.02
CA ASN B 138 -19.66 30.50 -1.48
C ASN B 138 -19.06 31.73 -2.15
N THR B 139 -18.79 32.75 -1.34
CA THR B 139 -18.25 34.02 -1.81
C THR B 139 -16.92 33.94 -2.53
N TRP B 140 -16.17 32.88 -2.27
CA TRP B 140 -14.85 32.68 -2.87
C TRP B 140 -14.89 32.09 -4.28
N ASP B 141 -16.03 31.52 -4.67
CA ASP B 141 -16.18 30.90 -6.00
C ASP B 141 -16.54 31.78 -7.17
N PRO B 142 -16.08 31.41 -8.37
CA PRO B 142 -16.40 32.15 -9.58
C PRO B 142 -17.89 31.84 -9.75
N ASN B 143 -18.61 32.61 -10.56
CA ASN B 143 -20.05 32.38 -10.70
C ASN B 143 -20.45 31.34 -11.74
N TYR B 144 -20.05 30.10 -11.52
CA TYR B 144 -20.37 28.98 -12.40
C TYR B 144 -19.69 27.70 -11.94
N PRO B 145 -20.22 26.54 -12.35
CA PRO B 145 -19.64 25.25 -11.95
C PRO B 145 -18.20 25.22 -12.47
N HIS B 146 -17.29 24.65 -11.69
CA HIS B 146 -15.90 24.67 -12.11
C HIS B 146 -15.03 23.58 -11.51
N ILE B 147 -13.87 23.41 -12.14
CA ILE B 147 -12.86 22.50 -11.65
C ILE B 147 -11.83 23.48 -11.08
N GLY B 148 -11.36 23.22 -9.87
CA GLY B 148 -10.38 24.11 -9.30
C GLY B 148 -9.22 23.39 -8.65
N ILE B 149 -8.08 24.08 -8.59
CA ILE B 149 -6.90 23.54 -7.96
C ILE B 149 -6.79 24.33 -6.68
N ASP B 150 -6.83 23.62 -5.55
CA ASP B 150 -6.77 24.24 -4.24
C ASP B 150 -5.45 23.96 -3.54
N VAL B 151 -4.76 25.02 -3.12
CA VAL B 151 -3.50 24.89 -2.42
C VAL B 151 -3.62 25.67 -1.11
N ASN B 152 -3.90 24.93 -0.04
CA ASN B 152 -4.05 25.49 1.32
C ASN B 152 -5.19 26.49 1.49
N SER B 153 -6.14 26.49 0.56
CA SER B 153 -7.28 27.40 0.63
C SER B 153 -8.46 26.95 -0.23
N ILE B 154 -9.68 27.20 0.25
CA ILE B 154 -10.89 26.83 -0.48
C ILE B 154 -11.04 27.78 -1.70
N ARG B 155 -10.34 28.91 -1.67
CA ARG B 155 -10.37 29.83 -2.81
C ARG B 155 -9.28 29.35 -3.77
N SER B 156 -9.68 28.60 -4.78
CA SER B 156 -8.78 28.02 -5.76
C SER B 156 -7.73 28.98 -6.33
N VAL B 157 -6.51 28.48 -6.51
CA VAL B 157 -5.45 29.28 -7.08
C VAL B 157 -5.73 29.39 -8.56
N LYS B 158 -6.62 28.53 -9.04
CA LYS B 158 -7.02 28.53 -10.43
C LYS B 158 -8.28 27.69 -10.67
N THR B 159 -9.13 28.16 -11.58
CA THR B 159 -10.35 27.44 -11.93
C THR B 159 -10.60 27.52 -13.43
N VAL B 160 -11.38 26.58 -13.93
CA VAL B 160 -11.76 26.56 -15.34
C VAL B 160 -13.22 26.16 -15.34
N LYS B 161 -13.99 26.71 -16.28
CA LYS B 161 -15.40 26.41 -16.39
C LYS B 161 -15.60 24.93 -16.63
N TRP B 162 -16.59 24.36 -15.98
CA TRP B 162 -16.89 22.94 -16.09
C TRP B 162 -18.40 22.74 -16.17
N ASP B 163 -18.83 21.69 -16.86
CA ASP B 163 -20.26 21.41 -16.96
C ASP B 163 -20.61 20.21 -16.12
N ARG B 164 -21.63 20.36 -15.27
CA ARG B 164 -22.10 19.27 -14.44
C ARG B 164 -23.10 18.51 -15.31
N ARG B 165 -22.98 17.20 -15.38
CA ARG B 165 -23.90 16.38 -16.15
C ARG B 165 -24.42 15.31 -15.22
N ASP B 166 -25.70 15.43 -14.88
CA ASP B 166 -26.32 14.52 -13.93
C ASP B 166 -26.24 13.06 -14.38
N GLY B 167 -25.76 12.20 -13.49
CA GLY B 167 -25.67 10.78 -13.80
C GLY B 167 -24.64 10.35 -14.82
N GLN B 168 -23.75 11.25 -15.24
CA GLN B 168 -22.74 10.89 -16.23
C GLN B 168 -21.36 10.82 -15.59
N SER B 169 -20.64 9.75 -15.89
CA SER B 169 -19.31 9.57 -15.33
C SER B 169 -18.28 10.49 -15.95
N LEU B 170 -17.46 11.08 -15.09
CA LEU B 170 -16.38 11.95 -15.55
C LEU B 170 -15.09 11.18 -15.27
N ASN B 171 -14.23 11.04 -16.27
CA ASN B 171 -12.95 10.37 -16.06
C ASN B 171 -11.91 11.46 -15.90
N VAL B 172 -11.10 11.34 -14.86
CA VAL B 172 -10.10 12.36 -14.57
C VAL B 172 -8.71 11.79 -14.39
N LEU B 173 -7.71 12.50 -14.91
CA LEU B 173 -6.32 12.10 -14.73
C LEU B 173 -5.61 13.28 -14.09
N VAL B 174 -5.02 13.05 -12.91
CA VAL B 174 -4.28 14.09 -12.21
C VAL B 174 -2.83 13.63 -12.16
N THR B 175 -1.92 14.47 -12.64
CA THR B 175 -0.51 14.10 -12.64
C THR B 175 0.36 15.24 -12.13
N PHE B 176 1.50 14.86 -11.55
CA PHE B 176 2.47 15.82 -11.05
C PHE B 176 3.85 15.40 -11.55
N ASN B 177 4.50 16.31 -12.27
CA ASN B 177 5.83 16.08 -12.83
C ASN B 177 6.80 16.88 -11.97
N PRO B 178 7.62 16.20 -11.14
CA PRO B 178 8.59 16.89 -10.28
C PRO B 178 9.61 17.76 -11.00
N SER B 179 9.91 17.44 -12.26
CA SER B 179 10.88 18.21 -13.03
C SER B 179 10.37 19.62 -13.32
N THR B 180 9.14 19.71 -13.81
CA THR B 180 8.54 20.99 -14.16
C THR B 180 7.71 21.56 -13.01
N ARG B 181 7.43 20.73 -12.01
CA ARG B 181 6.62 21.12 -10.86
C ARG B 181 5.18 21.42 -11.31
N ASN B 182 4.78 20.82 -12.42
CA ASN B 182 3.44 21.01 -12.93
C ASN B 182 2.44 19.98 -12.46
N LEU B 183 1.33 20.47 -11.92
CA LEU B 183 0.24 19.61 -11.48
C LEU B 183 -0.77 19.79 -12.61
N ASP B 184 -0.95 18.74 -13.42
CA ASP B 184 -1.88 18.81 -14.54
C ASP B 184 -3.18 18.05 -14.27
N VAL B 185 -4.29 18.61 -14.72
CA VAL B 185 -5.58 17.97 -14.56
C VAL B 185 -6.27 17.88 -15.91
N VAL B 186 -6.71 16.67 -16.27
CA VAL B 186 -7.42 16.45 -17.51
C VAL B 186 -8.67 15.64 -17.18
N ALA B 187 -9.85 16.17 -17.51
CA ALA B 187 -11.09 15.46 -17.23
C ALA B 187 -11.91 15.37 -18.50
N THR B 188 -12.59 14.24 -18.70
CA THR B 188 -13.38 14.05 -19.90
C THR B 188 -14.69 13.29 -19.65
N TYR B 189 -15.70 13.60 -20.45
CA TYR B 189 -16.97 12.91 -20.39
C TYR B 189 -16.90 11.91 -21.55
N SER B 190 -17.76 10.89 -21.54
CA SER B 190 -17.74 9.86 -22.57
C SER B 190 -17.97 10.31 -24.01
N ASP B 191 -18.46 11.53 -24.21
CA ASP B 191 -18.69 12.02 -25.56
C ASP B 191 -17.49 12.78 -26.10
N GLY B 192 -16.39 12.78 -25.33
CA GLY B 192 -15.19 13.46 -25.78
C GLY B 192 -14.99 14.86 -25.21
N THR B 193 -16.00 15.42 -24.56
CA THR B 193 -15.88 16.76 -23.99
C THR B 193 -14.72 16.73 -23.00
N ARG B 194 -13.78 17.67 -23.17
CA ARG B 194 -12.56 17.70 -22.37
C ARG B 194 -12.33 19.02 -21.62
N TYR B 195 -11.75 18.90 -20.42
CA TYR B 195 -11.42 20.07 -19.60
C TYR B 195 -10.00 19.89 -19.14
N GLU B 196 -9.20 20.96 -19.20
CA GLU B 196 -7.81 20.91 -18.79
C GLU B 196 -7.42 22.12 -17.95
N VAL B 197 -6.62 21.89 -16.92
CA VAL B 197 -6.15 22.96 -16.07
C VAL B 197 -4.81 22.52 -15.48
N SER B 198 -3.87 23.44 -15.42
CA SER B 198 -2.54 23.13 -14.91
C SER B 198 -2.03 24.25 -13.98
N TYR B 199 -1.18 23.88 -13.04
CA TYR B 199 -0.64 24.85 -12.10
C TYR B 199 0.73 24.40 -11.61
N GLU B 200 1.67 25.34 -11.55
CA GLU B 200 3.02 25.02 -11.10
C GLU B 200 3.08 25.18 -9.59
N VAL B 201 3.48 24.13 -8.90
CA VAL B 201 3.58 24.19 -7.45
C VAL B 201 4.67 23.26 -6.90
N ASP B 202 5.48 23.78 -5.99
CA ASP B 202 6.53 22.99 -5.36
C ASP B 202 5.85 22.32 -4.18
N VAL B 203 5.53 21.04 -4.30
CA VAL B 203 4.84 20.35 -3.23
C VAL B 203 5.63 20.29 -1.91
N ARG B 204 6.95 20.44 -2.00
CA ARG B 204 7.80 20.40 -0.81
C ARG B 204 7.53 21.53 0.18
N SER B 205 7.06 22.67 -0.31
CA SER B 205 6.79 23.80 0.58
C SER B 205 5.37 23.78 1.14
N VAL B 206 4.55 22.87 0.63
CA VAL B 206 3.15 22.77 1.05
C VAL B 206 2.84 21.55 1.92
N LEU B 207 3.45 20.42 1.59
CA LEU B 207 3.17 19.18 2.32
C LEU B 207 4.38 18.49 2.93
N PRO B 208 4.15 17.69 3.98
CA PRO B 208 5.22 16.94 4.67
C PRO B 208 5.75 15.86 3.71
N GLU B 209 6.84 15.21 4.08
CA GLU B 209 7.45 14.17 3.25
C GLU B 209 6.53 12.99 3.01
N TRP B 210 5.78 12.59 4.04
CA TRP B 210 4.85 11.48 3.93
C TRP B 210 3.42 11.99 4.03
N VAL B 211 2.56 11.53 3.13
CA VAL B 211 1.17 11.98 3.12
C VAL B 211 0.22 10.84 2.82
N ARG B 212 -1.07 11.15 2.87
CA ARG B 212 -2.09 10.19 2.52
C ARG B 212 -2.90 10.87 1.41
N VAL B 213 -3.43 10.06 0.51
CA VAL B 213 -4.22 10.58 -0.60
C VAL B 213 -5.62 10.02 -0.51
N GLY B 214 -6.60 10.76 -1.02
CA GLY B 214 -7.95 10.29 -0.97
C GLY B 214 -8.95 11.23 -1.61
N PHE B 215 -10.21 11.06 -1.22
CA PHE B 215 -11.30 11.87 -1.75
C PHE B 215 -12.20 12.39 -0.64
N SER B 216 -12.81 13.53 -0.91
CA SER B 216 -13.70 14.16 0.06
C SER B 216 -14.89 14.73 -0.70
N ALA B 217 -16.04 14.74 -0.04
CA ALA B 217 -17.25 15.28 -0.65
C ALA B 217 -18.17 15.76 0.48
N ALA B 218 -19.06 16.67 0.13
CA ALA B 218 -20.00 17.21 1.10
C ALA B 218 -21.23 17.82 0.44
N SER B 219 -22.30 17.92 1.23
CA SER B 219 -23.55 18.52 0.80
C SER B 219 -24.06 19.33 1.99
N GLY B 220 -24.44 20.58 1.75
CA GLY B 220 -24.97 21.41 2.81
C GLY B 220 -26.49 21.37 2.71
N GLU B 221 -27.11 22.53 2.46
CA GLU B 221 -28.56 22.58 2.33
C GLU B 221 -29.03 21.95 1.01
N GLN B 222 -28.20 22.08 -0.04
CA GLN B 222 -28.49 21.48 -1.33
C GLN B 222 -27.67 20.19 -1.35
N TYR B 223 -28.14 19.19 -2.08
CA TYR B 223 -27.46 17.90 -2.08
C TYR B 223 -27.44 17.16 -3.40
N GLN B 224 -26.60 16.13 -3.44
CA GLN B 224 -26.42 15.27 -4.61
C GLN B 224 -25.53 14.13 -4.15
N THR B 225 -25.58 13.00 -4.84
CA THR B 225 -24.71 11.90 -4.47
C THR B 225 -23.33 12.22 -5.06
N HIS B 226 -22.28 11.70 -4.44
CA HIS B 226 -20.92 11.87 -4.92
C HIS B 226 -20.36 10.45 -4.94
N THR B 227 -20.46 9.82 -6.10
CA THR B 227 -20.07 8.44 -6.27
C THR B 227 -18.72 8.21 -6.93
N LEU B 228 -17.77 7.67 -6.18
CA LEU B 228 -16.45 7.36 -6.72
C LEU B 228 -16.59 5.96 -7.28
N GLU B 229 -16.42 5.83 -8.60
CA GLU B 229 -16.57 4.58 -9.30
C GLU B 229 -15.32 3.74 -9.50
N SER B 230 -14.17 4.40 -9.66
CA SER B 230 -12.90 3.68 -9.85
C SER B 230 -11.75 4.60 -9.48
N TRP B 231 -10.58 4.01 -9.25
CA TRP B 231 -9.42 4.81 -8.88
C TRP B 231 -8.13 4.00 -8.95
N SER B 232 -7.12 4.58 -9.59
CA SER B 232 -5.81 3.95 -9.67
C SER B 232 -4.83 5.05 -9.31
N PHE B 233 -3.76 4.69 -8.62
CA PHE B 233 -2.76 5.67 -8.22
C PHE B 233 -1.38 5.06 -8.25
N THR B 234 -0.40 5.87 -8.63
CA THR B 234 0.98 5.42 -8.67
C THR B 234 1.90 6.60 -8.36
N SER B 235 2.97 6.34 -7.61
CA SER B 235 3.94 7.38 -7.30
C SER B 235 5.32 6.73 -7.20
N THR B 236 6.33 7.48 -7.64
CA THR B 236 7.71 7.02 -7.61
C THR B 236 8.60 8.21 -7.32
N LEU B 237 9.54 8.04 -6.39
CA LEU B 237 10.47 9.11 -6.05
C LEU B 237 11.49 9.24 -7.17
N LEU B 238 11.72 10.47 -7.61
CA LEU B 238 12.66 10.75 -8.69
C LEU B 238 13.66 11.84 -8.32
N TYR B 239 14.88 11.72 -8.85
CA TYR B 239 15.91 12.72 -8.60
C TYR B 239 15.51 13.98 -9.36
N THR B 240 15.54 15.11 -8.66
CA THR B 240 15.17 16.38 -9.27
C THR B 240 16.36 17.34 -9.28
N ALA B 241 16.69 17.84 -10.47
CA ALA B 241 17.81 18.77 -10.62
C ALA B 241 17.38 20.19 -10.24
#